data_8PUU
#
_entry.id   8PUU
#
_cell.length_a   103.130
_cell.length_b   103.130
_cell.length_c   147.109
_cell.angle_alpha   90.00
_cell.angle_beta   90.00
_cell.angle_gamma   120.00
#
_symmetry.space_group_name_H-M   'P 32 2 1'
#
loop_
_entity.id
_entity.type
_entity.pdbx_description
1 polymer 'Deoxynucleoside kinase'
2 polymer 'Deoxynucleoside kinase'
3 non-polymer "2'-DEOXYADENOSINE-5'-DIPHOSPHATE"
4 non-polymer "2'-DEOXYADENOSINE-5'-MONOPHOSPHATE"
5 water water
#
loop_
_entity_poly.entity_id
_entity_poly.type
_entity_poly.pdbx_seq_one_letter_code
_entity_poly.pdbx_strand_id
1 'polypeptide(L)'
;MAARNLDATNQKLDPQVGKKDDDMGFPYPKMFISISGLIGAGKTTLAEELAKEMGFPVYYEPVEDNIYLEDFYKDMKTYG
FPMQVYLLNKRYQQHQQIIWSGEGAVQDRSIYEDAVFARILVKQGNMSKRDYKTYTDLYNNMSKYLTHPNFLIHLDVTPE
ESLERIKERSRNCEAGIPLSYLQDLYDEYNIFLAEISKRIPVIRIRWANYRSAKELAMRVYAEMKKHQAIVDVPFDGTMT
APIP
;
A,B
2 'polypeptide(L)' (UNK)(UNK)(UNK)(UNK)(UNK)(UNK)(UNK)(UNK) C
#
# COMPACT_ATOMS: atom_id res chain seq x y z
N PHE A 26 -4.73 13.01 13.36
CA PHE A 26 -3.95 11.79 13.54
C PHE A 26 -2.99 11.59 12.36
N PRO A 27 -1.72 11.24 12.65
CA PRO A 27 -0.74 11.06 11.57
C PRO A 27 -1.00 9.80 10.74
N TYR A 28 -2.05 9.84 9.93
CA TYR A 28 -2.28 8.82 8.92
C TYR A 28 -1.07 8.75 7.99
N PRO A 29 -0.79 7.58 7.41
CA PRO A 29 0.42 7.46 6.60
C PRO A 29 0.36 8.41 5.40
N LYS A 30 1.52 8.92 5.02
CA LYS A 30 1.58 9.86 3.91
C LYS A 30 1.40 9.14 2.57
N MET A 31 0.99 9.92 1.58
CA MET A 31 0.72 9.42 0.24
C MET A 31 2.02 9.34 -0.57
N PHE A 32 2.36 8.16 -1.08
CA PHE A 32 3.53 7.98 -1.93
C PHE A 32 3.07 7.53 -3.31
N ILE A 33 3.43 8.30 -4.33
CA ILE A 33 3.07 7.98 -5.71
C ILE A 33 4.34 7.80 -6.53
N SER A 34 4.40 6.73 -7.31
CA SER A 34 5.51 6.47 -8.23
C SER A 34 5.00 6.42 -9.66
N ILE A 35 5.86 6.83 -10.59
CA ILE A 35 5.61 6.72 -12.03
C ILE A 35 6.49 5.59 -12.57
N SER A 36 5.96 4.80 -13.49
CA SER A 36 6.78 3.84 -14.23
C SER A 36 6.55 4.00 -15.72
N GLY A 37 7.41 3.38 -16.51
CA GLY A 37 7.28 3.42 -17.95
C GLY A 37 8.63 3.26 -18.61
N LEU A 38 8.59 2.90 -19.89
CA LEU A 38 9.78 2.67 -20.70
C LEU A 38 10.68 3.89 -20.73
N ILE A 39 11.94 3.66 -21.14
CA ILE A 39 12.91 4.73 -21.33
C ILE A 39 12.31 5.80 -22.24
N GLY A 40 12.44 7.05 -21.84
CA GLY A 40 11.97 8.17 -22.63
C GLY A 40 10.50 8.47 -22.54
N ALA A 41 9.71 7.69 -21.80
CA ALA A 41 8.27 7.86 -21.81
C ALA A 41 7.83 9.24 -21.32
N GLY A 42 8.67 9.94 -20.57
CA GLY A 42 8.25 11.19 -19.94
C GLY A 42 7.84 11.07 -18.49
N LYS A 43 8.40 10.10 -17.74
CA LYS A 43 8.07 9.92 -16.33
C LYS A 43 8.35 11.17 -15.53
N THR A 44 9.46 11.84 -15.84
CA THR A 44 9.89 12.96 -15.00
C THR A 44 8.95 14.15 -15.18
N THR A 45 8.57 14.42 -16.42
CA THR A 45 7.61 15.48 -16.71
C THR A 45 6.28 15.24 -16.01
N LEU A 46 5.75 14.01 -16.09
CA LEU A 46 4.50 13.70 -15.40
C LEU A 46 4.65 13.86 -13.89
N ALA A 47 5.79 13.44 -13.33
CA ALA A 47 5.97 13.55 -11.88
C ALA A 47 5.92 15.00 -11.43
N GLU A 48 6.60 15.90 -12.14
CA GLU A 48 6.58 17.32 -11.77
C GLU A 48 5.17 17.88 -11.85
N GLU A 49 4.47 17.62 -12.97
CA GLU A 49 3.12 18.16 -13.15
C GLU A 49 2.14 17.55 -12.15
N LEU A 50 2.22 16.24 -11.93
CA LEU A 50 1.33 15.63 -10.94
C LEU A 50 1.67 16.13 -9.53
N ALA A 51 2.96 16.30 -9.23
CA ALA A 51 3.33 16.81 -7.91
C ALA A 51 2.79 18.22 -7.69
N LYS A 52 2.83 19.05 -8.73
CA LYS A 52 2.17 20.37 -8.66
C LYS A 52 0.70 20.23 -8.33
N GLU A 53 -0.04 19.46 -9.15
CA GLU A 53 -1.48 19.30 -8.97
C GLU A 53 -1.83 18.95 -7.53
N MET A 54 -0.98 18.15 -6.87
CA MET A 54 -1.33 17.58 -5.58
C MET A 54 -0.78 18.36 -4.41
N GLY A 55 0.18 19.24 -4.63
CA GLY A 55 0.82 19.93 -3.53
C GLY A 55 1.91 19.14 -2.85
N PHE A 56 2.59 18.26 -3.59
CA PHE A 56 3.58 17.35 -3.01
C PHE A 56 4.98 17.73 -3.49
N PRO A 57 6.01 17.46 -2.69
CA PRO A 57 7.35 17.50 -3.24
C PRO A 57 7.54 16.37 -4.25
N VAL A 58 8.39 16.62 -5.22
CA VAL A 58 8.72 15.64 -6.25
C VAL A 58 10.16 15.23 -6.03
N TYR A 59 10.49 14.00 -6.43
CA TYR A 59 11.84 13.44 -6.27
C TYR A 59 12.28 12.83 -7.58
N TYR A 60 13.53 13.13 -7.97
CA TYR A 60 14.16 12.69 -9.20
C TYR A 60 15.43 11.89 -8.88
N GLU A 61 15.91 11.18 -9.88
CA GLU A 61 17.27 10.62 -9.89
C GLU A 61 17.96 11.09 -11.16
N PRO A 62 18.66 12.22 -11.13
CA PRO A 62 19.23 12.79 -12.36
C PRO A 62 20.25 11.86 -13.00
N VAL A 63 20.13 11.69 -14.32
CA VAL A 63 20.90 10.66 -15.02
C VAL A 63 22.39 10.99 -14.98
N GLU A 64 22.74 12.28 -14.94
CA GLU A 64 24.15 12.69 -14.86
C GLU A 64 24.81 12.15 -13.61
N ASP A 65 24.03 11.89 -12.56
CA ASP A 65 24.60 11.41 -11.31
C ASP A 65 24.94 9.92 -11.36
N ASN A 66 24.56 9.20 -12.41
CA ASN A 66 24.78 7.75 -12.50
C ASN A 66 26.16 7.50 -13.11
N ILE A 67 27.16 7.34 -12.24
CA ILE A 67 28.54 7.24 -12.70
C ILE A 67 28.84 5.92 -13.38
N TYR A 68 27.92 4.96 -13.35
CA TYR A 68 28.13 3.72 -14.07
C TYR A 68 27.51 3.72 -15.48
N LEU A 69 26.63 4.66 -15.79
CA LEU A 69 25.75 4.44 -16.95
C LEU A 69 26.52 4.41 -18.26
N GLU A 70 27.53 5.26 -18.43
CA GLU A 70 28.28 5.25 -19.69
C GLU A 70 28.94 3.90 -19.92
N ASP A 71 29.65 3.38 -18.91
CA ASP A 71 30.30 2.07 -19.04
C ASP A 71 29.28 0.96 -19.24
N PHE A 72 28.14 1.03 -18.56
CA PHE A 72 27.11 0.01 -18.70
C PHE A 72 26.71 -0.17 -20.17
N TYR A 73 26.44 0.93 -20.87
CA TYR A 73 26.01 0.79 -22.26
C TYR A 73 27.14 0.31 -23.17
N LYS A 74 28.41 0.52 -22.79
CA LYS A 74 29.50 -0.08 -23.55
C LYS A 74 29.67 -1.56 -23.27
N ASP A 75 29.32 -2.02 -22.07
CA ASP A 75 29.56 -3.42 -21.69
C ASP A 75 28.57 -3.75 -20.57
N MET A 76 27.37 -4.16 -20.97
CA MET A 76 26.30 -4.41 -20.02
C MET A 76 26.64 -5.57 -19.11
N LYS A 77 27.32 -6.58 -19.65
CA LYS A 77 27.62 -7.79 -18.90
C LYS A 77 28.58 -7.50 -17.75
N THR A 78 29.56 -6.62 -17.97
CA THR A 78 30.52 -6.30 -16.94
C THR A 78 29.95 -5.35 -15.89
N TYR A 79 29.13 -4.38 -16.30
CA TYR A 79 28.76 -3.32 -15.39
C TYR A 79 27.33 -3.41 -14.88
N GLY A 80 26.54 -4.37 -15.37
CA GLY A 80 25.14 -4.47 -14.98
C GLY A 80 24.90 -4.63 -13.50
N PHE A 81 25.48 -5.68 -12.91
CA PHE A 81 25.26 -5.95 -11.49
C PHE A 81 25.75 -4.82 -10.60
N PRO A 82 26.99 -4.34 -10.72
CA PRO A 82 27.40 -3.23 -9.84
C PRO A 82 26.52 -1.99 -9.98
N MET A 83 26.10 -1.63 -11.20
CA MET A 83 25.17 -0.51 -11.32
C MET A 83 23.88 -0.75 -10.55
N GLN A 84 23.33 -1.96 -10.62
CA GLN A 84 22.12 -2.23 -9.85
C GLN A 84 22.33 -1.95 -8.36
N VAL A 85 23.49 -2.35 -7.82
CA VAL A 85 23.74 -2.12 -6.39
C VAL A 85 23.85 -0.63 -6.13
N TYR A 86 24.64 0.06 -6.95
CA TYR A 86 24.78 1.50 -6.88
C TYR A 86 23.43 2.23 -6.91
N LEU A 87 22.55 1.83 -7.83
CA LEU A 87 21.22 2.44 -7.94
C LEU A 87 20.37 2.13 -6.70
N LEU A 88 20.48 0.92 -6.16
CA LEU A 88 19.78 0.60 -4.92
C LEU A 88 20.24 1.50 -3.79
N ASN A 89 21.54 1.79 -3.70
CA ASN A 89 22.02 2.74 -2.69
C ASN A 89 21.33 4.09 -2.84
N LYS A 90 21.15 4.55 -4.08
CA LYS A 90 20.49 5.84 -4.32
C LYS A 90 19.02 5.79 -3.93
N ARG A 91 18.33 4.71 -4.27
CA ARG A 91 16.95 4.59 -3.82
C ARG A 91 16.84 4.55 -2.30
N TYR A 92 17.85 3.98 -1.61
CA TYR A 92 17.81 3.97 -0.15
C TYR A 92 18.00 5.37 0.41
N GLN A 93 18.93 6.15 -0.13
CA GLN A 93 19.06 7.53 0.32
C GLN A 93 17.77 8.31 0.07
N GLN A 94 17.11 8.07 -1.07
CA GLN A 94 15.92 8.85 -1.41
C GLN A 94 14.79 8.57 -0.44
N HIS A 95 14.63 7.32 -0.02
CA HIS A 95 13.61 7.03 0.98
C HIS A 95 13.91 7.70 2.32
N GLN A 96 15.15 7.60 2.80
CA GLN A 96 15.49 8.27 4.06
C GLN A 96 15.17 9.76 3.96
N GLN A 97 15.38 10.34 2.78
CA GLN A 97 15.01 11.73 2.54
C GLN A 97 13.50 11.92 2.59
N ILE A 98 12.75 11.02 1.98
CA ILE A 98 11.30 11.12 1.97
C ILE A 98 10.74 10.93 3.38
N ILE A 99 11.24 9.93 4.11
CA ILE A 99 10.77 9.70 5.47
C ILE A 99 11.08 10.89 6.36
N TRP A 100 12.30 11.42 6.23
CA TRP A 100 12.70 12.59 7.02
C TRP A 100 11.77 13.79 6.76
N SER A 101 11.36 13.97 5.51
CA SER A 101 10.49 15.09 5.16
C SER A 101 9.18 15.08 5.93
N GLY A 102 8.66 13.91 6.27
CA GLY A 102 7.36 13.82 6.88
C GLY A 102 6.21 14.30 6.03
N GLU A 103 6.34 14.30 4.71
CA GLU A 103 5.29 14.68 3.79
C GLU A 103 5.10 13.58 2.74
N GLY A 104 4.03 13.70 1.96
CA GLY A 104 3.84 12.85 0.80
C GLY A 104 4.88 13.11 -0.26
N ALA A 105 4.78 12.35 -1.36
CA ALA A 105 5.84 12.45 -2.35
C ALA A 105 5.36 11.87 -3.67
N VAL A 106 5.82 12.49 -4.76
CA VAL A 106 5.73 11.91 -6.09
C VAL A 106 7.15 11.59 -6.55
N GLN A 107 7.36 10.36 -6.97
CA GLN A 107 8.65 9.88 -7.44
C GLN A 107 8.53 9.63 -8.93
N ASP A 108 9.55 10.01 -9.70
CA ASP A 108 9.52 9.77 -11.13
C ASP A 108 9.99 8.38 -11.50
N ARG A 109 10.22 7.52 -10.51
CA ARG A 109 10.67 6.16 -10.77
C ARG A 109 10.42 5.36 -9.51
N SER A 110 10.03 4.10 -9.66
CA SER A 110 9.78 3.26 -8.50
C SER A 110 10.92 2.27 -8.28
N ILE A 111 10.99 1.75 -7.05
CA ILE A 111 12.03 0.77 -6.74
C ILE A 111 11.86 -0.52 -7.54
N TYR A 112 10.66 -0.80 -8.02
CA TYR A 112 10.46 -2.06 -8.75
C TYR A 112 11.12 -2.04 -10.12
N GLU A 113 11.34 -0.86 -10.69
CA GLU A 113 11.84 -0.80 -12.06
C GLU A 113 13.27 -1.29 -12.19
N ASP A 114 14.11 -1.12 -11.17
CA ASP A 114 15.46 -1.69 -11.26
C ASP A 114 15.38 -3.20 -11.41
N ALA A 115 14.44 -3.82 -10.72
CA ALA A 115 14.26 -5.27 -10.81
C ALA A 115 13.81 -5.69 -12.19
N VAL A 116 12.96 -4.87 -12.82
CA VAL A 116 12.59 -5.12 -14.21
C VAL A 116 13.83 -5.15 -15.09
N PHE A 117 14.71 -4.17 -14.93
CA PHE A 117 15.90 -4.14 -15.79
C PHE A 117 16.77 -5.36 -15.53
N ALA A 118 16.89 -5.77 -14.27
CA ALA A 118 17.73 -6.91 -13.95
C ALA A 118 17.20 -8.18 -14.62
N ARG A 119 15.87 -8.35 -14.62
N ARG A 119 15.87 -8.37 -14.62
CA ARG A 119 15.30 -9.57 -15.19
CA ARG A 119 15.33 -9.60 -15.19
C ARG A 119 15.58 -9.68 -16.68
C ARG A 119 15.61 -9.69 -16.69
N ILE A 120 15.51 -8.57 -17.41
CA ILE A 120 15.80 -8.62 -18.83
C ILE A 120 17.29 -8.83 -19.07
N LEU A 121 18.16 -8.22 -18.24
CA LEU A 121 19.59 -8.48 -18.37
C LEU A 121 19.91 -9.96 -18.18
N VAL A 122 19.28 -10.61 -17.20
CA VAL A 122 19.45 -12.07 -17.06
C VAL A 122 18.97 -12.78 -18.32
N LYS A 123 17.76 -12.45 -18.77
CA LYS A 123 17.22 -13.07 -19.99
C LYS A 123 18.19 -12.93 -21.15
N GLN A 124 18.81 -11.76 -21.30
CA GLN A 124 19.71 -11.54 -22.42
C GLN A 124 21.09 -12.15 -22.21
N GLY A 125 21.33 -12.82 -21.08
CA GLY A 125 22.66 -13.30 -20.80
C GLY A 125 23.65 -12.21 -20.41
N ASN A 126 23.16 -11.03 -20.01
CA ASN A 126 24.04 -9.97 -19.57
C ASN A 126 24.24 -9.95 -18.06
N MET A 127 23.45 -10.70 -17.31
CA MET A 127 23.62 -10.91 -15.88
C MET A 127 23.55 -12.40 -15.61
N SER A 128 24.45 -12.90 -14.75
CA SER A 128 24.38 -14.31 -14.39
C SER A 128 23.22 -14.55 -13.44
N LYS A 129 22.70 -15.77 -13.46
CA LYS A 129 21.61 -16.12 -12.55
C LYS A 129 22.08 -15.99 -11.11
N ARG A 130 23.35 -16.29 -10.85
CA ARG A 130 23.87 -16.16 -9.49
C ARG A 130 23.86 -14.70 -9.03
N ASP A 131 24.34 -13.78 -9.88
CA ASP A 131 24.32 -12.36 -9.54
C ASP A 131 22.88 -11.83 -9.40
N TYR A 132 21.96 -12.33 -10.23
CA TYR A 132 20.58 -11.88 -10.11
C TYR A 132 20.02 -12.23 -8.74
N LYS A 133 20.21 -13.49 -8.33
CA LYS A 133 19.77 -13.94 -7.01
C LYS A 133 20.43 -13.13 -5.89
N THR A 134 21.74 -12.91 -6.00
CA THR A 134 22.40 -12.01 -5.05
C THR A 134 21.71 -10.66 -5.01
N TYR A 135 21.39 -10.12 -6.19
CA TYR A 135 20.72 -8.82 -6.24
C TYR A 135 19.35 -8.85 -5.55
N THR A 136 18.55 -9.89 -5.81
CA THR A 136 17.19 -9.90 -5.26
C THR A 136 17.17 -10.19 -3.76
N ASP A 137 18.10 -11.02 -3.28
CA ASP A 137 18.29 -11.16 -1.84
C ASP A 137 18.58 -9.81 -1.22
N LEU A 138 19.51 -9.06 -1.82
CA LEU A 138 19.83 -7.72 -1.33
C LEU A 138 18.60 -6.82 -1.37
N TYR A 139 17.88 -6.81 -2.49
CA TYR A 139 16.67 -5.99 -2.56
C TYR A 139 15.68 -6.38 -1.46
N ASN A 140 15.44 -7.69 -1.29
CA ASN A 140 14.55 -8.17 -0.24
C ASN A 140 15.01 -7.72 1.15
N ASN A 141 16.30 -7.83 1.43
CA ASN A 141 16.82 -7.31 2.68
C ASN A 141 16.59 -5.81 2.78
N MET A 142 16.64 -5.09 1.64
CA MET A 142 16.61 -3.63 1.66
C MET A 142 15.23 -3.08 1.81
N SER A 143 14.23 -3.80 1.29
CA SER A 143 12.95 -3.20 0.97
C SER A 143 12.29 -2.54 2.17
N LYS A 144 12.46 -3.13 3.36
CA LYS A 144 11.86 -2.60 4.59
C LYS A 144 12.17 -1.11 4.78
N TYR A 145 13.29 -0.63 4.25
CA TYR A 145 13.71 0.75 4.43
C TYR A 145 13.63 1.55 3.13
N LEU A 146 12.85 1.06 2.16
CA LEU A 146 12.66 1.69 0.86
C LEU A 146 11.21 2.20 0.73
N THR A 147 10.97 2.95 -0.35
CA THR A 147 9.66 3.55 -0.59
C THR A 147 8.75 2.57 -1.31
N HIS A 148 7.58 2.34 -0.71
CA HIS A 148 6.57 1.49 -1.33
C HIS A 148 5.35 2.35 -1.65
N PRO A 149 5.05 2.54 -2.93
CA PRO A 149 4.00 3.50 -3.30
C PRO A 149 2.61 3.04 -2.91
N ASN A 150 1.79 4.03 -2.56
CA ASN A 150 0.34 3.90 -2.43
C ASN A 150 -0.33 3.76 -3.78
N PHE A 151 0.33 4.25 -4.83
CA PHE A 151 -0.28 4.36 -6.14
C PHE A 151 0.84 4.34 -7.18
N LEU A 152 0.69 3.49 -8.18
CA LEU A 152 1.64 3.39 -9.29
C LEU A 152 0.97 3.92 -10.57
N ILE A 153 1.62 4.87 -11.23
CA ILE A 153 1.13 5.41 -12.51
C ILE A 153 2.08 4.92 -13.61
N HIS A 154 1.60 4.06 -14.48
CA HIS A 154 2.40 3.54 -15.58
C HIS A 154 2.07 4.27 -16.88
N LEU A 155 3.10 4.87 -17.49
CA LEU A 155 2.98 5.54 -18.77
C LEU A 155 3.07 4.51 -19.88
N ASP A 156 1.96 4.27 -20.57
CA ASP A 156 1.89 3.22 -21.58
C ASP A 156 2.35 3.79 -22.93
N VAL A 157 3.54 3.39 -23.36
CA VAL A 157 4.08 3.75 -24.68
C VAL A 157 4.65 2.48 -25.29
N THR A 158 4.76 2.49 -26.61
CA THR A 158 5.30 1.32 -27.31
C THR A 158 6.83 1.35 -27.32
N PRO A 159 7.46 0.21 -27.58
CA PRO A 159 8.92 0.22 -27.82
C PRO A 159 9.35 1.18 -28.93
N GLU A 160 8.61 1.21 -30.04
CA GLU A 160 8.95 2.14 -31.13
C GLU A 160 8.83 3.59 -30.68
N GLU A 161 7.80 3.92 -29.90
CA GLU A 161 7.72 5.28 -29.37
C GLU A 161 8.88 5.59 -28.44
N SER A 162 9.27 4.61 -27.60
CA SER A 162 10.40 4.80 -26.70
C SER A 162 11.69 5.04 -27.49
N LEU A 163 11.93 4.23 -28.53
CA LEU A 163 13.11 4.42 -29.36
C LEU A 163 13.13 5.82 -29.97
N GLU A 164 11.97 6.31 -30.43
CA GLU A 164 11.90 7.64 -31.03
C GLU A 164 12.16 8.73 -29.99
N ARG A 165 11.65 8.55 -28.77
N ARG A 165 11.64 8.56 -28.77
CA ARG A 165 11.92 9.52 -27.72
CA ARG A 165 11.93 9.53 -27.73
C ARG A 165 13.38 9.50 -27.31
C ARG A 165 13.41 9.50 -27.35
N ILE A 166 14.04 8.33 -27.38
CA ILE A 166 15.48 8.25 -27.15
C ILE A 166 16.23 9.02 -28.24
N LYS A 167 15.82 8.84 -29.50
CA LYS A 167 16.51 9.53 -30.59
C LYS A 167 16.33 11.04 -30.49
N GLU A 168 15.14 11.52 -30.16
CA GLU A 168 14.90 12.95 -30.06
C GLU A 168 15.71 13.57 -28.91
N ARG A 169 15.82 12.87 -27.79
CA ARG A 169 16.58 13.37 -26.65
C ARG A 169 18.08 13.37 -26.94
N SER A 170 18.57 12.36 -27.67
N SER A 170 18.57 12.33 -27.62
CA SER A 170 19.95 12.30 -28.13
CA SER A 170 19.93 12.24 -28.17
C SER A 170 20.94 12.31 -26.96
C SER A 170 21.01 12.13 -27.08
N ARG A 171 20.74 11.40 -26.01
CA ARG A 171 21.77 11.06 -25.04
C ARG A 171 22.78 10.13 -25.72
N ASN A 172 24.06 10.53 -25.75
CA ASN A 172 25.05 9.75 -26.51
C ASN A 172 25.12 8.30 -26.04
N CYS A 173 25.04 8.07 -24.74
CA CYS A 173 25.16 6.69 -24.25
C CYS A 173 23.97 5.82 -24.65
N GLU A 174 22.83 6.42 -25.02
CA GLU A 174 21.66 5.65 -25.43
C GLU A 174 21.58 5.44 -26.93
N ALA A 175 22.46 6.09 -27.71
CA ALA A 175 22.36 6.02 -29.17
C ALA A 175 22.52 4.61 -29.70
N GLY A 176 23.08 3.69 -28.92
CA GLY A 176 23.26 2.32 -29.37
C GLY A 176 22.16 1.33 -29.04
N ILE A 177 21.13 1.74 -28.29
CA ILE A 177 20.09 0.81 -27.83
C ILE A 177 19.28 0.30 -29.02
N PRO A 178 19.19 -1.01 -29.26
CA PRO A 178 18.33 -1.51 -30.33
C PRO A 178 16.89 -1.70 -29.86
N LEU A 179 16.00 -1.74 -30.84
CA LEU A 179 14.57 -1.89 -30.56
C LEU A 179 14.28 -3.16 -29.76
N SER A 180 14.96 -4.26 -30.08
CA SER A 180 14.77 -5.52 -29.35
C SER A 180 14.94 -5.35 -27.85
N TYR A 181 15.90 -4.53 -27.42
CA TYR A 181 16.10 -4.31 -26.00
C TYR A 181 14.89 -3.61 -25.38
N LEU A 182 14.35 -2.60 -26.07
CA LEU A 182 13.14 -1.92 -25.63
C LEU A 182 11.90 -2.83 -25.69
N GLN A 183 11.86 -3.78 -26.63
CA GLN A 183 10.76 -4.74 -26.67
C GLN A 183 10.81 -5.68 -25.46
N ASP A 184 12.00 -6.22 -25.13
CA ASP A 184 12.19 -7.00 -23.90
C ASP A 184 11.72 -6.22 -22.69
N LEU A 185 12.16 -4.96 -22.58
CA LEU A 185 11.77 -4.13 -21.45
C LEU A 185 10.25 -3.97 -21.40
N TYR A 186 9.65 -3.66 -22.55
CA TYR A 186 8.19 -3.57 -22.63
C TYR A 186 7.53 -4.85 -22.14
N ASP A 187 7.99 -6.00 -22.64
CA ASP A 187 7.35 -7.26 -22.24
C ASP A 187 7.46 -7.50 -20.74
N GLU A 188 8.61 -7.18 -20.17
CA GLU A 188 8.81 -7.40 -18.74
C GLU A 188 7.95 -6.45 -17.92
N TYR A 189 7.84 -5.19 -18.34
CA TYR A 189 6.99 -4.27 -17.61
C TYR A 189 5.56 -4.80 -17.53
N ASN A 190 5.04 -5.38 -18.64
CA ASN A 190 3.63 -5.78 -18.64
C ASN A 190 3.39 -6.96 -17.73
N ILE A 191 4.34 -7.91 -17.67
CA ILE A 191 4.28 -9.00 -16.68
C ILE A 191 4.31 -8.44 -15.26
N PHE A 192 5.21 -7.48 -15.00
CA PHE A 192 5.34 -6.88 -13.68
C PHE A 192 4.06 -6.17 -13.24
N LEU A 193 3.40 -5.47 -14.17
CA LEU A 193 2.20 -4.72 -13.82
C LEU A 193 1.06 -5.64 -13.42
N ALA A 194 0.92 -6.78 -14.11
CA ALA A 194 -0.12 -7.75 -13.75
C ALA A 194 0.10 -8.29 -12.34
N GLU A 195 1.35 -8.44 -11.92
CA GLU A 195 1.62 -8.90 -10.56
C GLU A 195 1.50 -7.77 -9.54
N ILE A 196 2.13 -6.61 -9.78
CA ILE A 196 2.13 -5.57 -8.76
C ILE A 196 0.72 -5.05 -8.48
N SER A 197 -0.18 -5.09 -9.48
CA SER A 197 -1.55 -4.61 -9.31
C SER A 197 -2.35 -5.46 -8.34
N LYS A 198 -1.88 -6.67 -8.03
CA LYS A 198 -2.49 -7.44 -6.95
C LYS A 198 -2.29 -6.76 -5.61
N ARG A 199 -1.22 -5.98 -5.44
CA ARG A 199 -0.92 -5.36 -4.15
C ARG A 199 -1.32 -3.89 -4.05
N ILE A 200 -1.13 -3.11 -5.10
CA ILE A 200 -1.36 -1.67 -4.98
C ILE A 200 -2.16 -1.18 -6.17
N PRO A 201 -2.92 -0.10 -6.00
CA PRO A 201 -3.65 0.49 -7.14
C PRO A 201 -2.70 0.90 -8.26
N VAL A 202 -3.06 0.55 -9.49
CA VAL A 202 -2.28 0.83 -10.68
C VAL A 202 -3.18 1.53 -11.70
N ILE A 203 -2.76 2.69 -12.18
CA ILE A 203 -3.38 3.34 -13.32
C ILE A 203 -2.40 3.25 -14.48
N ARG A 204 -2.82 2.62 -15.57
CA ARG A 204 -2.02 2.54 -16.78
C ARG A 204 -2.61 3.54 -17.78
N ILE A 205 -1.84 4.54 -18.18
CA ILE A 205 -2.41 5.64 -18.96
C ILE A 205 -1.66 5.79 -20.27
N ARG A 206 -2.39 5.68 -21.38
CA ARG A 206 -1.78 5.80 -22.71
C ARG A 206 -1.32 7.24 -22.95
N TRP A 207 -0.05 7.43 -23.29
CA TRP A 207 0.45 8.76 -23.62
C TRP A 207 1.39 8.67 -24.80
N ALA A 208 0.97 9.20 -25.94
CA ALA A 208 1.82 9.26 -27.13
C ALA A 208 2.28 10.68 -27.41
N ASN A 209 2.10 11.59 -26.45
CA ASN A 209 2.48 13.00 -26.57
C ASN A 209 1.60 13.76 -27.57
N TYR A 210 0.33 13.38 -27.69
CA TYR A 210 -0.63 14.17 -28.46
C TYR A 210 -1.26 15.25 -27.59
N ARG A 211 -1.72 14.89 -26.40
CA ARG A 211 -2.20 15.88 -25.44
C ARG A 211 -1.04 16.31 -24.53
N SER A 212 -1.24 17.42 -23.83
CA SER A 212 -0.15 17.99 -23.07
C SER A 212 0.13 17.23 -21.78
N ALA A 213 1.31 17.47 -21.23
CA ALA A 213 1.69 16.88 -19.96
C ALA A 213 0.84 17.43 -18.83
N LYS A 214 0.35 18.66 -18.98
CA LYS A 214 -0.53 19.23 -17.95
C LYS A 214 -1.90 18.56 -17.97
N GLU A 215 -2.46 18.35 -19.16
N GLU A 215 -2.46 18.31 -19.15
CA GLU A 215 -3.71 17.60 -19.28
CA GLU A 215 -3.75 17.60 -19.16
C GLU A 215 -3.53 16.17 -18.75
C GLU A 215 -3.56 16.12 -18.80
N LEU A 216 -2.37 15.57 -19.04
CA LEU A 216 -2.09 14.21 -18.58
C LEU A 216 -2.16 14.13 -17.05
N ALA A 217 -1.47 15.05 -16.38
CA ALA A 217 -1.45 15.05 -14.93
C ALA A 217 -2.83 15.29 -14.35
N MET A 218 -3.60 16.18 -14.97
CA MET A 218 -4.95 16.47 -14.50
C MET A 218 -5.83 15.25 -14.59
N ARG A 219 -5.67 14.46 -15.65
CA ARG A 219 -6.45 13.25 -15.81
C ARG A 219 -5.98 12.18 -14.84
N VAL A 220 -4.67 12.05 -14.62
CA VAL A 220 -4.16 11.09 -13.65
C VAL A 220 -4.75 11.40 -12.27
N TYR A 221 -4.65 12.66 -11.86
CA TYR A 221 -5.21 13.08 -10.57
C TYR A 221 -6.67 12.69 -10.45
N ALA A 222 -7.46 13.02 -11.49
CA ALA A 222 -8.89 12.75 -11.45
C ALA A 222 -9.17 11.25 -11.39
N GLU A 223 -8.35 10.45 -12.07
CA GLU A 223 -8.57 9.02 -12.05
C GLU A 223 -8.17 8.43 -10.70
N MET A 224 -7.13 9.00 -10.08
CA MET A 224 -6.74 8.58 -8.74
C MET A 224 -7.88 8.80 -7.75
N LYS A 225 -8.47 10.01 -7.77
CA LYS A 225 -9.58 10.32 -6.87
C LYS A 225 -10.75 9.37 -7.10
N LYS A 226 -11.05 9.08 -8.35
CA LYS A 226 -12.13 8.16 -8.67
C LYS A 226 -11.87 6.79 -8.08
N HIS A 227 -10.63 6.29 -8.18
CA HIS A 227 -10.33 4.93 -7.74
C HIS A 227 -10.25 4.81 -6.22
N GLN A 228 -10.05 5.93 -5.52
CA GLN A 228 -9.92 5.95 -4.06
C GLN A 228 -11.26 6.01 -3.34
N ALA A 229 -12.38 5.97 -4.04
CA ALA A 229 -13.67 5.99 -3.38
C ALA A 229 -13.89 4.66 -2.65
N ILE A 230 -14.48 4.73 -1.45
CA ILE A 230 -14.89 3.54 -0.72
C ILE A 230 -15.82 2.69 -1.58
N VAL A 231 -15.56 1.38 -1.63
CA VAL A 231 -16.48 0.43 -2.26
C VAL A 231 -17.50 -0.02 -1.22
N ASP A 232 -18.77 0.30 -1.46
CA ASP A 232 -19.85 -0.16 -0.61
C ASP A 232 -20.48 -1.42 -1.20
N VAL A 233 -20.57 -2.47 -0.40
CA VAL A 233 -21.14 -3.74 -0.85
C VAL A 233 -22.43 -4.03 -0.09
N PRO A 234 -23.61 -3.89 -0.73
CA PRO A 234 -24.90 -4.29 -0.13
C PRO A 234 -25.25 -5.77 -0.41
N MET A 239 -26.78 -0.03 3.42
CA MET A 239 -25.82 0.71 4.23
C MET A 239 -26.51 1.57 5.27
N THR A 240 -25.75 2.51 5.81
CA THR A 240 -26.23 3.48 6.77
C THR A 240 -25.29 4.68 6.80
N ALA A 241 -24.42 4.76 5.80
CA ALA A 241 -23.36 5.75 5.78
C ALA A 241 -23.37 6.93 4.82
N PRO A 242 -22.26 7.67 4.85
CA PRO A 242 -21.80 8.84 4.14
C PRO A 242 -20.41 8.59 3.60
N MET B 24 13.92 -17.43 -9.92
CA MET B 24 14.09 -16.40 -10.94
C MET B 24 12.97 -15.39 -10.97
N GLY B 25 12.15 -15.40 -9.93
CA GLY B 25 11.02 -14.51 -9.68
C GLY B 25 11.45 -13.19 -9.08
N PHE B 26 10.55 -12.54 -8.37
CA PHE B 26 10.96 -11.33 -7.69
C PHE B 26 10.14 -11.13 -6.43
N PRO B 27 10.76 -10.76 -5.30
CA PRO B 27 9.99 -10.57 -4.07
C PRO B 27 9.14 -9.30 -4.12
N TYR B 28 8.04 -9.36 -4.86
CA TYR B 28 7.00 -8.35 -4.79
C TYR B 28 6.58 -8.19 -3.33
N PRO B 29 6.11 -7.03 -2.91
CA PRO B 29 5.80 -6.85 -1.49
C PRO B 29 4.63 -7.75 -1.08
N LYS B 30 4.58 -8.06 0.22
CA LYS B 30 3.53 -8.92 0.73
C LYS B 30 2.23 -8.15 0.91
N MET B 31 1.12 -8.87 0.83
CA MET B 31 -0.21 -8.30 0.98
C MET B 31 -0.66 -8.36 2.44
N PHE B 32 -1.13 -7.24 2.97
CA PHE B 32 -1.62 -7.14 4.35
C PHE B 32 -3.04 -6.60 4.31
N ILE B 33 -3.98 -7.36 4.87
CA ILE B 33 -5.39 -7.01 4.94
C ILE B 33 -5.79 -6.87 6.40
N SER B 34 -6.52 -5.82 6.72
CA SER B 34 -7.05 -5.61 8.06
C SER B 34 -8.57 -5.53 7.99
N ILE B 35 -9.22 -6.11 9.00
CA ILE B 35 -10.66 -5.96 9.21
C ILE B 35 -10.88 -4.84 10.21
N SER B 36 -11.93 -4.05 10.00
CA SER B 36 -12.31 -2.92 10.83
C SER B 36 -13.78 -3.07 11.21
N GLY B 37 -14.20 -2.52 12.33
CA GLY B 37 -15.62 -2.51 12.66
C GLY B 37 -15.89 -2.37 14.13
N LEU B 38 -17.14 -2.06 14.45
CA LEU B 38 -17.60 -1.80 15.83
C LEU B 38 -17.44 -3.02 16.72
N ILE B 39 -17.52 -2.76 18.03
CA ILE B 39 -17.43 -3.82 19.03
C ILE B 39 -18.45 -4.89 18.72
N GLY B 40 -18.02 -6.15 18.75
CA GLY B 40 -18.91 -7.27 18.55
C GLY B 40 -19.33 -7.54 17.12
N ALA B 41 -18.74 -6.84 16.14
CA ALA B 41 -19.16 -7.02 14.74
C ALA B 41 -18.78 -8.37 14.16
N GLY B 42 -17.88 -9.11 14.80
CA GLY B 42 -17.52 -10.43 14.31
C GLY B 42 -16.29 -10.39 13.43
N LYS B 43 -15.34 -9.52 13.79
CA LYS B 43 -14.19 -9.27 12.92
C LYS B 43 -13.25 -10.47 12.85
N THR B 44 -13.05 -11.18 13.97
CA THR B 44 -12.10 -12.29 13.97
C THR B 44 -12.55 -13.41 13.07
N THR B 45 -13.84 -13.74 13.11
CA THR B 45 -14.36 -14.81 12.27
C THR B 45 -14.28 -14.42 10.80
N LEU B 46 -14.64 -13.17 10.46
CA LEU B 46 -14.48 -12.71 9.07
C LEU B 46 -13.02 -12.77 8.64
N ALA B 47 -12.10 -12.28 9.49
CA ALA B 47 -10.67 -12.40 9.21
C ALA B 47 -10.26 -13.85 8.92
N GLU B 48 -10.71 -14.78 9.77
CA GLU B 48 -10.33 -16.18 9.58
C GLU B 48 -10.83 -16.74 8.27
N GLU B 49 -12.12 -16.50 7.97
CA GLU B 49 -12.69 -17.06 6.74
C GLU B 49 -12.09 -16.40 5.50
N LEU B 50 -11.79 -15.10 5.56
CA LEU B 50 -11.17 -14.43 4.41
C LEU B 50 -9.76 -14.96 4.17
N ALA B 51 -9.00 -15.15 5.26
CA ALA B 51 -7.65 -15.71 5.12
C ALA B 51 -7.69 -17.11 4.57
N LYS B 52 -8.67 -17.92 5.03
CA LYS B 52 -8.83 -19.27 4.47
C LYS B 52 -9.09 -19.21 2.97
N GLU B 53 -10.03 -18.36 2.56
CA GLU B 53 -10.36 -18.20 1.15
C GLU B 53 -9.14 -17.73 0.34
N MET B 54 -8.31 -16.86 0.94
CA MET B 54 -7.17 -16.32 0.20
C MET B 54 -5.92 -17.15 0.30
N GLY B 55 -5.88 -18.16 1.18
CA GLY B 55 -4.64 -18.88 1.39
C GLY B 55 -3.60 -18.16 2.21
N PHE B 56 -4.01 -17.16 3.08
CA PHE B 56 -3.12 -16.40 3.95
C PHE B 56 -3.23 -16.90 5.39
N PRO B 57 -2.19 -16.70 6.21
CA PRO B 57 -2.36 -16.81 7.66
C PRO B 57 -3.25 -15.70 8.18
N VAL B 58 -3.82 -15.93 9.36
CA VAL B 58 -4.63 -14.94 10.03
C VAL B 58 -4.01 -14.68 11.39
N TYR B 59 -4.08 -13.43 11.86
CA TYR B 59 -3.52 -13.02 13.14
C TYR B 59 -4.58 -12.27 13.91
N TYR B 60 -4.70 -12.55 15.21
CA TYR B 60 -5.68 -11.85 16.01
C TYR B 60 -5.25 -11.85 17.46
N GLU B 61 -5.89 -11.00 18.27
CA GLU B 61 -5.58 -10.84 19.69
C GLU B 61 -6.76 -11.31 20.52
N PRO B 62 -6.67 -12.46 21.21
CA PRO B 62 -7.75 -12.85 22.14
C PRO B 62 -7.97 -11.76 23.19
N VAL B 63 -9.25 -11.50 23.48
CA VAL B 63 -9.58 -10.43 24.42
C VAL B 63 -9.03 -10.71 25.80
N GLU B 64 -8.89 -11.99 26.19
CA GLU B 64 -8.41 -12.32 27.52
C GLU B 64 -6.99 -11.88 27.74
N ASP B 65 -6.20 -11.73 26.68
CA ASP B 65 -4.82 -11.31 26.82
C ASP B 65 -4.69 -9.84 27.19
N ASN B 66 -5.78 -9.07 27.17
CA ASN B 66 -5.73 -7.65 27.50
C ASN B 66 -5.94 -7.52 29.00
N ILE B 67 -4.82 -7.46 29.74
CA ILE B 67 -4.88 -7.45 31.20
C ILE B 67 -5.37 -6.14 31.77
N TYR B 68 -5.63 -5.13 30.93
CA TYR B 68 -6.16 -3.86 31.39
C TYR B 68 -7.66 -3.71 31.18
N LEU B 69 -8.28 -4.54 30.35
CA LEU B 69 -9.62 -4.21 29.87
C LEU B 69 -10.64 -4.17 31.02
N GLU B 70 -10.49 -5.05 32.00
CA GLU B 70 -11.51 -5.10 33.06
C GLU B 70 -11.45 -3.85 33.92
N ASP B 71 -10.25 -3.40 34.31
CA ASP B 71 -10.11 -2.12 35.01
C ASP B 71 -10.55 -0.95 34.15
N PHE B 72 -10.26 -0.98 32.85
CA PHE B 72 -10.66 0.10 31.96
C PHE B 72 -12.17 0.33 32.04
N TYR B 73 -12.95 -0.74 31.94
CA TYR B 73 -14.39 -0.56 31.94
C TYR B 73 -14.92 -0.12 33.30
N LYS B 74 -14.21 -0.40 34.39
CA LYS B 74 -14.59 0.18 35.69
C LYS B 74 -14.18 1.64 35.80
N ASP B 75 -13.12 2.05 35.12
CA ASP B 75 -12.63 3.41 35.30
C ASP B 75 -11.86 3.82 34.05
N MET B 76 -12.60 4.30 33.05
CA MET B 76 -12.02 4.61 31.76
C MET B 76 -10.97 5.71 31.87
N LYS B 77 -11.21 6.68 32.75
CA LYS B 77 -10.32 7.85 32.83
C LYS B 77 -8.97 7.49 33.41
N THR B 78 -8.94 6.57 34.38
CA THR B 78 -7.68 6.22 35.02
C THR B 78 -6.84 5.30 34.15
N TYR B 79 -7.47 4.39 33.42
CA TYR B 79 -6.76 3.30 32.75
C TYR B 79 -6.74 3.43 31.24
N GLY B 80 -7.39 4.44 30.67
CA GLY B 80 -7.45 4.61 29.24
C GLY B 80 -6.10 4.76 28.58
N PHE B 81 -5.32 5.76 29.00
CA PHE B 81 -4.00 5.98 28.41
C PHE B 81 -3.07 4.80 28.57
N PRO B 82 -2.83 4.26 29.78
CA PRO B 82 -1.92 3.11 29.86
C PRO B 82 -2.38 1.93 29.03
N MET B 83 -3.69 1.71 28.90
CA MET B 83 -4.14 0.60 28.04
C MET B 83 -3.79 0.85 26.57
N GLN B 84 -3.93 2.09 26.10
CA GLN B 84 -3.52 2.39 24.71
C GLN B 84 -2.05 2.06 24.49
N VAL B 85 -1.19 2.40 25.46
CA VAL B 85 0.24 2.09 25.31
C VAL B 85 0.45 0.58 25.32
N TYR B 86 -0.18 -0.09 26.28
CA TYR B 86 -0.11 -1.54 26.38
C TYR B 86 -0.55 -2.20 25.08
N LEU B 87 -1.67 -1.77 24.50
CA LEU B 87 -2.14 -2.35 23.26
C LEU B 87 -1.20 -2.03 22.11
N LEU B 88 -0.56 -0.87 22.12
CA LEU B 88 0.41 -0.58 21.06
C LEU B 88 1.59 -1.54 21.11
N ASN B 89 2.03 -1.92 22.31
CA ASN B 89 3.03 -2.96 22.43
C ASN B 89 2.58 -4.25 21.74
N LYS B 90 1.30 -4.61 21.86
CA LYS B 90 0.80 -5.82 21.22
C LYS B 90 0.83 -5.70 19.71
N ARG B 91 0.37 -4.57 19.17
CA ARG B 91 0.42 -4.38 17.72
C ARG B 91 1.84 -4.43 17.21
N TYR B 92 2.81 -3.95 18.01
CA TYR B 92 4.21 -4.01 17.61
C TYR B 92 4.71 -5.44 17.57
N GLN B 93 4.46 -6.23 18.62
CA GLN B 93 4.92 -7.61 18.57
C GLN B 93 4.26 -8.35 17.40
N GLN B 94 3.00 -8.04 17.12
CA GLN B 94 2.31 -8.76 16.06
C GLN B 94 2.92 -8.44 14.70
N HIS B 95 3.35 -7.18 14.50
CA HIS B 95 4.01 -6.85 13.24
C HIS B 95 5.36 -7.54 13.12
N GLN B 96 6.15 -7.58 14.20
CA GLN B 96 7.42 -8.28 14.10
C GLN B 96 7.20 -9.73 13.70
N GLN B 97 6.12 -10.35 14.21
CA GLN B 97 5.82 -11.74 13.85
C GLN B 97 5.45 -11.85 12.38
N ILE B 98 4.66 -10.92 11.87
CA ILE B 98 4.25 -10.97 10.48
C ILE B 98 5.45 -10.77 9.56
N ILE B 99 6.33 -9.82 9.90
CA ILE B 99 7.53 -9.58 9.09
C ILE B 99 8.43 -10.81 9.11
N TRP B 100 8.70 -11.33 10.30
CA TRP B 100 9.50 -12.54 10.43
C TRP B 100 8.96 -13.70 9.61
N SER B 101 7.64 -13.79 9.44
CA SER B 101 7.05 -14.88 8.68
C SER B 101 7.37 -14.80 7.19
N GLY B 102 7.67 -13.61 6.66
CA GLY B 102 7.92 -13.48 5.24
C GLY B 102 6.73 -13.75 4.34
N GLU B 103 5.52 -13.71 4.89
CA GLU B 103 4.30 -13.96 4.15
C GLU B 103 3.33 -12.81 4.37
N GLY B 104 2.30 -12.77 3.54
CA GLY B 104 1.18 -11.85 3.76
C GLY B 104 0.36 -12.26 4.96
N ALA B 105 -0.67 -11.48 5.25
CA ALA B 105 -1.42 -11.71 6.48
C ALA B 105 -2.78 -11.06 6.39
N VAL B 106 -3.78 -11.71 6.99
CA VAL B 106 -5.04 -11.05 7.35
C VAL B 106 -5.03 -10.85 8.85
N GLN B 107 -5.32 -9.65 9.30
CA GLN B 107 -5.43 -9.38 10.73
C GLN B 107 -6.84 -8.88 11.04
N ASP B 108 -7.31 -9.18 12.24
CA ASP B 108 -8.70 -8.89 12.58
C ASP B 108 -8.89 -7.49 13.12
N ARG B 109 -7.86 -6.67 13.06
CA ARG B 109 -7.95 -5.32 13.58
C ARG B 109 -6.78 -4.56 13.00
N SER B 110 -6.99 -3.29 12.64
CA SER B 110 -5.91 -2.45 12.15
C SER B 110 -5.37 -1.59 13.26
N ILE B 111 -4.11 -1.17 13.11
CA ILE B 111 -3.47 -0.30 14.10
C ILE B 111 -4.19 1.04 14.20
N TYR B 112 -5.00 1.40 13.22
CA TYR B 112 -5.68 2.70 13.26
C TYR B 112 -6.82 2.74 14.26
N GLU B 113 -7.37 1.59 14.64
CA GLU B 113 -8.58 1.58 15.45
C GLU B 113 -8.31 1.94 16.90
N ASP B 114 -7.14 1.62 17.44
CA ASP B 114 -6.83 2.10 18.78
C ASP B 114 -6.94 3.62 18.86
N ALA B 115 -6.47 4.33 17.84
CA ALA B 115 -6.58 5.80 17.87
C ALA B 115 -8.02 6.27 17.77
N VAL B 116 -8.87 5.54 17.03
CA VAL B 116 -10.30 5.82 17.05
C VAL B 116 -10.83 5.79 18.49
N PHE B 117 -10.45 4.77 19.27
CA PHE B 117 -10.91 4.73 20.66
C PHE B 117 -10.34 5.88 21.46
N ALA B 118 -9.06 6.20 21.26
CA ALA B 118 -8.45 7.26 22.04
C ALA B 118 -9.16 8.59 21.80
N ARG B 119 -9.59 8.84 20.56
CA ARG B 119 -10.25 10.11 20.28
C ARG B 119 -11.63 10.19 20.93
N ILE B 120 -12.40 9.09 20.97
CA ILE B 120 -13.67 9.24 21.66
C ILE B 120 -13.45 9.37 23.15
N LEU B 121 -12.37 8.77 23.69
CA LEU B 121 -12.09 8.97 25.10
C LEU B 121 -11.77 10.44 25.41
N VAL B 122 -11.03 11.11 24.53
CA VAL B 122 -10.76 12.52 24.75
C VAL B 122 -12.05 13.33 24.67
N LYS B 123 -12.87 13.07 23.64
CA LYS B 123 -14.15 13.78 23.51
C LYS B 123 -14.99 13.65 24.76
N GLN B 124 -15.04 12.45 25.34
CA GLN B 124 -15.81 12.20 26.55
C GLN B 124 -15.14 12.69 27.81
N GLY B 125 -13.94 13.25 27.72
CA GLY B 125 -13.21 13.66 28.90
C GLY B 125 -12.58 12.53 29.68
N ASN B 126 -12.48 11.33 29.09
CA ASN B 126 -11.84 10.21 29.76
C ASN B 126 -10.34 10.14 29.50
N MET B 127 -9.83 10.93 28.57
CA MET B 127 -8.39 11.05 28.35
C MET B 127 -8.09 12.52 28.13
N SER B 128 -7.00 13.00 28.72
CA SER B 128 -6.69 14.42 28.58
C SER B 128 -6.11 14.69 27.19
N LYS B 129 -6.22 15.96 26.77
CA LYS B 129 -5.64 16.34 25.48
C LYS B 129 -4.14 16.10 25.49
N ARG B 130 -3.49 16.34 26.62
CA ARG B 130 -2.04 16.14 26.72
C ARG B 130 -1.67 14.67 26.60
N ASP B 131 -2.40 13.78 27.30
CA ASP B 131 -2.14 12.34 27.17
C ASP B 131 -2.41 11.85 25.75
N TYR B 132 -3.46 12.35 25.11
CA TYR B 132 -3.73 11.99 23.72
C TYR B 132 -2.57 12.38 22.81
N LYS B 133 -2.05 13.59 22.99
CA LYS B 133 -0.90 14.04 22.21
C LYS B 133 0.32 13.16 22.46
N THR B 134 0.58 12.82 23.72
CA THR B 134 1.64 11.86 24.02
C THR B 134 1.44 10.54 23.26
N TYR B 135 0.20 10.05 23.21
CA TYR B 135 -0.07 8.78 22.54
C TYR B 135 0.18 8.89 21.03
N THR B 136 -0.32 9.96 20.40
CA THR B 136 -0.16 10.04 18.96
C THR B 136 1.28 10.30 18.56
N ASP B 137 2.05 11.02 19.39
CA ASP B 137 3.49 11.11 19.17
C ASP B 137 4.13 9.73 19.24
N LEU B 138 3.78 8.95 20.26
CA LEU B 138 4.30 7.59 20.35
C LEU B 138 3.89 6.76 19.15
N TYR B 139 2.62 6.83 18.73
CA TYR B 139 2.23 6.06 17.56
C TYR B 139 3.07 6.46 16.36
N ASN B 140 3.26 7.76 16.15
CA ASN B 140 3.98 8.22 14.97
C ASN B 140 5.44 7.77 15.00
N ASN B 141 6.08 7.83 16.17
CA ASN B 141 7.41 7.25 16.27
C ASN B 141 7.37 5.74 16.04
N MET B 142 6.24 5.09 16.33
CA MET B 142 6.16 3.64 16.21
C MET B 142 5.87 3.18 14.81
N SER B 143 5.18 4.01 14.04
CA SER B 143 4.40 3.53 12.90
C SER B 143 5.25 2.75 11.90
N LYS B 144 6.51 3.13 11.73
CA LYS B 144 7.37 2.49 10.73
C LYS B 144 7.64 1.03 11.03
N TYR B 145 7.45 0.59 12.27
CA TYR B 145 7.64 -0.79 12.70
C TYR B 145 6.31 -1.48 13.02
N LEU B 146 5.22 -1.00 12.41
CA LEU B 146 3.88 -1.53 12.61
C LEU B 146 3.33 -1.96 11.25
N THR B 147 2.25 -2.76 11.29
CA THR B 147 1.64 -3.27 10.07
C THR B 147 0.73 -2.20 9.45
N HIS B 148 1.00 -1.86 8.19
CA HIS B 148 0.09 -0.97 7.48
C HIS B 148 -0.64 -1.74 6.38
N PRO B 149 -1.96 -1.86 6.48
CA PRO B 149 -2.69 -2.69 5.53
C PRO B 149 -2.63 -2.12 4.11
N ASN B 150 -2.60 -3.04 3.14
CA ASN B 150 -2.83 -2.73 1.74
C ASN B 150 -4.32 -2.64 1.41
N PHE B 151 -5.18 -3.16 2.29
CA PHE B 151 -6.61 -3.25 2.00
C PHE B 151 -7.35 -3.28 3.33
N LEU B 152 -8.36 -2.44 3.47
CA LEU B 152 -9.17 -2.37 4.68
C LEU B 152 -10.58 -2.86 4.38
N ILE B 153 -11.06 -3.83 5.17
CA ILE B 153 -12.43 -4.32 5.09
C ILE B 153 -13.17 -3.83 6.34
N HIS B 154 -14.12 -2.93 6.18
CA HIS B 154 -14.92 -2.42 7.28
C HIS B 154 -16.25 -3.16 7.36
N LEU B 155 -16.48 -3.87 8.46
CA LEU B 155 -17.77 -4.47 8.78
C LEU B 155 -18.70 -3.37 9.31
N ASP B 156 -19.73 -3.05 8.54
CA ASP B 156 -20.63 -1.94 8.89
C ASP B 156 -21.78 -2.48 9.74
N VAL B 157 -21.79 -2.14 11.03
CA VAL B 157 -22.92 -2.47 11.91
C VAL B 157 -23.31 -1.21 12.66
N THR B 158 -24.61 -1.03 12.91
CA THR B 158 -25.08 0.18 13.59
C THR B 158 -24.76 0.09 15.07
N PRO B 159 -24.81 1.22 15.79
CA PRO B 159 -24.64 1.14 17.26
C PRO B 159 -25.64 0.20 17.92
N GLU B 160 -26.86 0.16 17.41
CA GLU B 160 -27.90 -0.70 17.97
C GLU B 160 -27.56 -2.17 17.74
N GLU B 161 -27.15 -2.54 16.53
CA GLU B 161 -26.74 -3.91 16.26
C GLU B 161 -25.55 -4.31 17.11
N SER B 162 -24.57 -3.41 17.26
CA SER B 162 -23.41 -3.68 18.11
C SER B 162 -23.84 -3.96 19.55
N LEU B 163 -24.70 -3.12 20.12
CA LEU B 163 -25.17 -3.36 21.48
C LEU B 163 -25.86 -4.72 21.60
N GLU B 164 -26.61 -5.11 20.59
CA GLU B 164 -27.27 -6.42 20.63
C GLU B 164 -26.26 -7.56 20.53
N ARG B 165 -25.23 -7.41 19.68
CA ARG B 165 -24.20 -8.42 19.63
C ARG B 165 -23.42 -8.49 20.94
N ILE B 166 -23.20 -7.34 21.58
CA ILE B 166 -22.52 -7.35 22.88
C ILE B 166 -23.32 -8.17 23.90
N LYS B 167 -24.65 -8.02 23.90
CA LYS B 167 -25.47 -8.76 24.86
C LYS B 167 -25.50 -10.25 24.56
N GLU B 168 -25.61 -10.63 23.29
CA GLU B 168 -25.55 -12.04 22.94
C GLU B 168 -24.23 -12.68 23.38
N ARG B 169 -23.13 -11.93 23.31
CA ARG B 169 -21.83 -12.49 23.67
C ARG B 169 -21.66 -12.52 25.18
N SER B 170 -22.14 -11.46 25.85
CA SER B 170 -22.26 -11.37 27.31
C SER B 170 -20.90 -11.34 28.03
N ARG B 171 -19.91 -10.68 27.44
CA ARG B 171 -18.69 -10.41 28.21
C ARG B 171 -19.04 -9.55 29.41
N ASN B 172 -18.66 -10.01 30.60
CA ASN B 172 -19.04 -9.29 31.82
C ASN B 172 -18.52 -7.86 31.81
N CYS B 173 -17.28 -7.64 31.38
CA CYS B 173 -16.72 -6.29 31.40
C CYS B 173 -17.44 -5.35 30.45
N GLU B 174 -18.17 -5.88 29.48
CA GLU B 174 -18.87 -5.06 28.51
C GLU B 174 -20.33 -4.75 28.89
N ALA B 175 -20.84 -5.33 29.98
CA ALA B 175 -22.27 -5.23 30.29
C ALA B 175 -22.71 -3.79 30.55
N GLY B 176 -21.81 -2.95 31.03
CA GLY B 176 -22.20 -1.58 31.26
C GLY B 176 -22.01 -0.62 30.11
N ILE B 177 -21.74 -1.09 28.90
CA ILE B 177 -21.49 -0.16 27.79
C ILE B 177 -22.81 0.44 27.33
N PRO B 178 -22.98 1.76 27.39
CA PRO B 178 -24.23 2.37 26.91
C PRO B 178 -24.21 2.60 25.40
N LEU B 179 -25.42 2.72 24.85
CA LEU B 179 -25.60 3.01 23.44
C LEU B 179 -24.81 4.25 23.01
N SER B 180 -24.81 5.29 23.84
CA SER B 180 -24.11 6.51 23.47
C SER B 180 -22.63 6.27 23.17
N TYR B 181 -21.98 5.42 23.98
CA TYR B 181 -20.58 5.10 23.74
C TYR B 181 -20.39 4.49 22.35
N LEU B 182 -21.27 3.55 21.97
CA LEU B 182 -21.18 2.94 20.64
C LEU B 182 -21.53 3.93 19.53
N GLN B 183 -22.40 4.90 19.81
CA GLN B 183 -22.68 5.94 18.82
C GLN B 183 -21.47 6.84 18.61
N ASP B 184 -20.79 7.23 19.70
CA ASP B 184 -19.51 7.93 19.60
C ASP B 184 -18.54 7.14 18.71
N LEU B 185 -18.39 5.85 19.00
CA LEU B 185 -17.47 5.02 18.25
C LEU B 185 -17.84 4.99 16.78
N TYR B 186 -19.13 4.74 16.50
CA TYR B 186 -19.62 4.67 15.12
C TYR B 186 -19.29 5.95 14.34
N ASP B 187 -19.54 7.12 14.95
CA ASP B 187 -19.27 8.38 14.28
C ASP B 187 -17.79 8.57 14.01
N GLU B 188 -16.94 8.23 14.99
CA GLU B 188 -15.51 8.37 14.82
C GLU B 188 -14.99 7.44 13.72
N TYR B 189 -15.50 6.20 13.68
CA TYR B 189 -15.13 5.28 12.61
C TYR B 189 -15.43 5.87 11.24
N ASN B 190 -16.60 6.49 11.08
CA ASN B 190 -16.97 7.05 9.78
C ASN B 190 -16.02 8.17 9.38
N ILE B 191 -15.54 8.96 10.34
CA ILE B 191 -14.52 9.96 10.04
C ILE B 191 -13.22 9.28 9.61
N PHE B 192 -12.81 8.26 10.37
CA PHE B 192 -11.59 7.53 10.06
C PHE B 192 -11.65 6.93 8.66
N LEU B 193 -12.81 6.40 8.27
CA LEU B 193 -12.92 5.74 6.97
C LEU B 193 -12.76 6.75 5.84
N ALA B 194 -13.25 7.98 6.03
CA ALA B 194 -13.11 9.03 5.02
C ALA B 194 -11.65 9.39 4.75
N GLU B 195 -10.85 9.51 5.81
CA GLU B 195 -9.44 9.84 5.65
C GLU B 195 -8.65 8.65 5.09
N ILE B 196 -8.79 7.48 5.71
CA ILE B 196 -7.93 6.36 5.34
C ILE B 196 -8.19 5.93 3.90
N SER B 197 -9.42 6.09 3.40
CA SER B 197 -9.71 5.66 2.03
C SER B 197 -9.03 6.52 0.98
N LYS B 198 -8.47 7.68 1.38
CA LYS B 198 -7.63 8.44 0.47
C LYS B 198 -6.30 7.75 0.24
N ARG B 199 -5.86 6.91 1.19
CA ARG B 199 -4.55 6.30 1.08
C ARG B 199 -4.59 4.85 0.62
N ILE B 200 -5.62 4.09 1.00
CA ILE B 200 -5.65 2.66 0.69
C ILE B 200 -7.06 2.28 0.32
N PRO B 201 -7.19 1.23 -0.49
CA PRO B 201 -8.55 0.75 -0.83
C PRO B 201 -9.31 0.30 0.42
N VAL B 202 -10.60 0.61 0.43
CA VAL B 202 -11.50 0.29 1.52
C VAL B 202 -12.74 -0.38 0.94
N ILE B 203 -13.12 -1.54 1.48
CA ILE B 203 -14.43 -2.14 1.21
C ILE B 203 -15.26 -2.06 2.49
N ARG B 204 -16.45 -1.48 2.40
CA ARG B 204 -17.39 -1.40 3.50
C ARG B 204 -18.56 -2.32 3.19
N ILE B 205 -18.84 -3.27 4.08
CA ILE B 205 -19.81 -4.31 3.78
C ILE B 205 -20.72 -4.52 4.99
N ARG B 206 -22.01 -4.70 4.70
CA ARG B 206 -23.06 -4.85 5.69
C ARG B 206 -23.32 -6.33 5.93
N TRP B 207 -23.70 -6.69 7.16
CA TRP B 207 -24.06 -8.09 7.41
C TRP B 207 -25.29 -8.56 6.63
N ALA B 208 -26.12 -7.65 6.14
CA ALA B 208 -27.43 -7.93 5.55
C ALA B 208 -27.45 -9.17 4.65
N ASN B 209 -28.23 -10.16 5.07
CA ASN B 209 -28.66 -11.35 4.32
C ASN B 209 -27.58 -12.42 4.21
N TYR B 210 -26.34 -12.16 4.63
CA TYR B 210 -25.34 -13.22 4.68
C TYR B 210 -25.57 -14.08 5.91
N ARG B 211 -25.56 -15.40 5.70
CA ARG B 211 -25.85 -16.34 6.77
C ARG B 211 -24.63 -16.72 7.58
N SER B 212 -23.42 -16.46 7.08
CA SER B 212 -22.20 -16.85 7.77
C SER B 212 -21.06 -15.93 7.37
N ALA B 213 -20.00 -15.94 8.19
CA ALA B 213 -18.79 -15.22 7.82
C ALA B 213 -18.20 -15.76 6.53
N LYS B 214 -18.34 -17.07 6.30
CA LYS B 214 -17.82 -17.65 5.07
C LYS B 214 -18.48 -17.04 3.84
N GLU B 215 -19.80 -16.82 3.91
CA GLU B 215 -20.52 -16.20 2.80
C GLU B 215 -20.07 -14.75 2.60
N LEU B 216 -19.98 -14.01 3.70
CA LEU B 216 -19.44 -12.65 3.67
C LEU B 216 -18.05 -12.63 3.07
N ALA B 217 -17.19 -13.55 3.52
CA ALA B 217 -15.81 -13.57 3.06
C ALA B 217 -15.72 -13.78 1.57
N MET B 218 -16.58 -14.63 1.01
CA MET B 218 -16.52 -14.92 -0.41
C MET B 218 -16.89 -13.70 -1.24
N ARG B 219 -17.87 -12.92 -0.77
CA ARG B 219 -18.18 -11.67 -1.45
C ARG B 219 -17.06 -10.65 -1.29
N VAL B 220 -16.49 -10.55 -0.09
CA VAL B 220 -15.37 -9.63 0.13
C VAL B 220 -14.24 -9.95 -0.83
N TYR B 221 -13.88 -11.22 -0.95
CA TYR B 221 -12.79 -11.61 -1.83
C TYR B 221 -13.08 -11.25 -3.29
N ALA B 222 -14.31 -11.52 -3.75
CA ALA B 222 -14.67 -11.17 -5.13
C ALA B 222 -14.57 -9.67 -5.36
N GLU B 223 -15.04 -8.87 -4.41
CA GLU B 223 -14.93 -7.43 -4.53
C GLU B 223 -13.48 -6.96 -4.50
N MET B 224 -12.62 -7.62 -3.71
CA MET B 224 -11.21 -7.25 -3.68
C MET B 224 -10.56 -7.46 -5.05
N LYS B 225 -10.85 -8.61 -5.69
CA LYS B 225 -10.27 -8.87 -7.01
C LYS B 225 -10.77 -7.84 -8.02
N LYS B 226 -12.03 -7.43 -7.91
CA LYS B 226 -12.58 -6.45 -8.85
C LYS B 226 -11.93 -5.09 -8.65
N HIS B 227 -11.73 -4.67 -7.41
CA HIS B 227 -11.17 -3.35 -7.16
C HIS B 227 -9.68 -3.28 -7.45
N GLN B 228 -8.99 -4.40 -7.54
CA GLN B 228 -7.55 -4.38 -7.76
C GLN B 228 -7.19 -4.50 -9.24
N ALA B 229 -8.17 -4.58 -10.13
CA ALA B 229 -7.86 -4.56 -11.55
C ALA B 229 -7.11 -3.26 -11.90
N ILE B 230 -6.13 -3.38 -12.80
CA ILE B 230 -5.50 -2.20 -13.40
C ILE B 230 -6.56 -1.31 -14.02
N VAL B 231 -6.52 -0.02 -13.69
CA VAL B 231 -7.32 1.00 -14.36
C VAL B 231 -6.61 1.46 -15.64
N ASP B 232 -7.13 1.06 -16.79
CA ASP B 232 -6.64 1.53 -18.09
C ASP B 232 -7.30 2.85 -18.47
N VAL B 233 -6.49 3.86 -18.79
CA VAL B 233 -6.96 5.17 -19.20
C VAL B 233 -6.45 5.43 -20.62
N PRO B 234 -7.32 5.27 -21.64
CA PRO B 234 -6.92 5.52 -23.06
C PRO B 234 -6.88 7.01 -23.36
N PHE B 235 -5.93 7.69 -22.72
CA PHE B 235 -5.94 9.15 -22.67
C PHE B 235 -5.66 9.75 -24.04
N ASP B 236 -4.58 9.33 -24.67
CA ASP B 236 -4.10 9.81 -25.96
C ASP B 236 -4.49 8.90 -27.10
N GLY B 237 -4.98 7.71 -26.79
CA GLY B 237 -5.22 6.71 -27.80
C GLY B 237 -5.49 5.39 -27.13
N THR B 238 -5.60 4.37 -27.96
CA THR B 238 -5.89 3.04 -27.46
C THR B 238 -4.69 2.47 -26.68
N MET B 239 -4.98 1.69 -25.66
CA MET B 239 -3.93 1.01 -24.89
C MET B 239 -3.06 0.20 -25.82
N THR B 240 -1.75 0.15 -25.53
CA THR B 240 -0.81 -0.50 -26.45
C THR B 240 -1.06 -2.00 -26.55
N ALA B 241 -1.50 -2.63 -25.48
CA ALA B 241 -1.78 -4.06 -25.52
C ALA B 241 -2.56 -4.42 -24.27
N PRO B 242 -3.40 -5.45 -24.32
CA PRO B 242 -4.04 -5.92 -23.08
C PRO B 242 -2.99 -6.52 -22.16
N ILE B 243 -3.20 -6.37 -20.87
CA ILE B 243 -2.27 -6.88 -19.88
C ILE B 243 -2.82 -8.18 -19.32
N PRO B 244 -2.00 -9.26 -19.24
CA PRO B 244 -2.41 -10.60 -18.80
C PRO B 244 -3.21 -10.60 -17.49
N UNK C 1 -2.32 -14.61 18.69
CA UNK C 1 -2.77 -15.86 18.06
C UNK C 1 -2.58 -15.81 16.54
N UNK C 2 -2.32 -16.98 15.94
CA UNK C 2 -2.19 -17.10 14.50
C UNK C 2 -2.73 -18.46 14.06
N UNK C 3 -3.26 -18.51 12.83
CA UNK C 3 -3.61 -19.78 12.17
C UNK C 3 -3.16 -19.69 10.71
N UNK C 4 -2.76 -20.84 10.16
CA UNK C 4 -2.24 -20.86 8.80
C UNK C 4 -2.29 -22.29 8.29
N UNK C 5 -2.54 -22.43 6.97
CA UNK C 5 -2.56 -23.74 6.34
C UNK C 5 -1.17 -24.19 5.94
N UNK C 6 -0.28 -23.24 5.66
CA UNK C 6 1.05 -23.51 5.08
C UNK C 6 2.13 -22.72 5.81
N UNK C 7 2.12 -22.78 7.15
CA UNK C 7 3.10 -22.04 7.96
C UNK C 7 3.31 -22.76 9.29
N UNK C 8 4.16 -22.16 10.12
CA UNK C 8 4.44 -22.67 11.46
C UNK C 8 3.28 -22.37 12.40
#